data_2NAV
#
_entry.id   2NAV
#
_entity_poly.entity_id   1
_entity_poly.type   'polypeptide(L)'
_entity_poly.pdbx_seq_one_letter_code
;HGEGTFTSDCSKQCEEGIGHKYPFCHCR(NH2)
;
_entity_poly.pdbx_strand_id   A
#
loop_
_chem_comp.id
_chem_comp.type
_chem_comp.name
_chem_comp.formula
NH2 non-polymer 'AMINO GROUP' 'H2 N'
#
# COMPACT_ATOMS: atom_id res chain seq x y z
N HIS A 1 10.48 -10.87 4.24
CA HIS A 1 10.58 -11.95 3.27
C HIS A 1 9.19 -12.53 3.06
N GLY A 2 8.96 -13.10 1.90
CA GLY A 2 7.70 -13.72 1.61
C GLY A 2 7.53 -13.96 0.14
N GLU A 3 6.44 -13.50 -0.40
CA GLU A 3 6.08 -13.68 -1.80
C GLU A 3 5.04 -12.62 -2.16
N GLY A 4 4.56 -12.62 -3.38
CA GLY A 4 3.62 -11.60 -3.81
C GLY A 4 2.16 -11.98 -3.57
N THR A 5 1.83 -12.31 -2.33
CA THR A 5 0.48 -12.71 -1.98
C THR A 5 -0.42 -11.49 -1.83
N PHE A 6 -0.12 -10.65 -0.89
CA PHE A 6 -0.97 -9.55 -0.58
C PHE A 6 -0.18 -8.27 -0.74
N THR A 7 -0.58 -7.50 -1.69
CA THR A 7 0.08 -6.27 -1.98
C THR A 7 -0.72 -5.08 -1.42
N SER A 8 -2.00 -5.31 -1.13
CA SER A 8 -2.94 -4.26 -0.73
C SER A 8 -2.68 -3.64 0.67
N ASP A 9 -1.55 -3.95 1.27
CA ASP A 9 -1.18 -3.37 2.56
C ASP A 9 -0.94 -1.89 2.39
N CYS A 10 -1.61 -1.10 3.18
CA CYS A 10 -1.55 0.35 3.08
C CYS A 10 -0.13 0.87 3.30
N SER A 11 0.53 0.33 4.31
CA SER A 11 1.88 0.69 4.64
C SER A 11 2.82 0.31 3.49
N LYS A 12 2.49 -0.78 2.84
CA LYS A 12 3.28 -1.33 1.78
C LYS A 12 3.10 -0.48 0.53
N GLN A 13 1.87 -0.01 0.28
CA GLN A 13 1.59 0.83 -0.84
C GLN A 13 2.26 2.19 -0.68
N CYS A 14 2.33 2.66 0.54
CA CYS A 14 3.01 3.88 0.84
C CYS A 14 4.52 3.70 0.71
N GLU A 15 5.04 2.54 1.10
CA GLU A 15 6.46 2.27 0.94
C GLU A 15 6.85 2.14 -0.53
N GLU A 16 5.91 1.69 -1.36
CA GLU A 16 6.12 1.68 -2.80
C GLU A 16 6.07 3.09 -3.36
N GLY A 17 5.36 3.95 -2.67
CA GLY A 17 5.30 5.32 -3.06
C GLY A 17 4.06 5.65 -3.84
N ILE A 18 2.99 4.93 -3.63
CA ILE A 18 1.77 5.24 -4.29
C ILE A 18 0.74 5.89 -3.42
N GLY A 19 -0.02 5.10 -2.67
CA GLY A 19 -1.07 5.70 -1.83
C GLY A 19 -2.21 6.24 -2.69
N HIS A 20 -2.27 5.78 -3.91
CA HIS A 20 -3.22 6.19 -4.90
C HIS A 20 -4.21 5.06 -5.07
N LYS A 21 -5.51 5.38 -5.09
CA LYS A 21 -6.62 4.37 -5.15
C LYS A 21 -6.80 3.73 -3.79
N TYR A 22 -6.14 4.30 -2.81
CA TYR A 22 -6.12 3.75 -1.47
C TYR A 22 -6.59 4.84 -0.53
N PRO A 23 -7.90 4.89 -0.26
CA PRO A 23 -8.53 5.98 0.51
C PRO A 23 -8.10 6.02 1.98
N PHE A 24 -7.46 4.98 2.39
CA PHE A 24 -6.98 4.84 3.73
C PHE A 24 -5.48 5.08 3.82
N CYS A 25 -4.88 5.54 2.73
CA CYS A 25 -3.45 5.76 2.69
C CYS A 25 -3.10 7.19 2.38
N HIS A 26 -2.88 7.97 3.41
CA HIS A 26 -2.36 9.30 3.26
C HIS A 26 -0.94 9.28 3.77
N CYS A 27 0.00 9.28 2.86
CA CYS A 27 1.38 9.12 3.21
C CYS A 27 2.26 10.20 2.58
N ARG A 28 3.57 10.05 2.67
CA ARG A 28 4.51 11.02 2.16
C ARG A 28 5.05 10.56 0.81
N NH2 A 29 4.31 10.82 -0.24
HN1 NH2 A 29 3.47 11.28 -0.09
HN2 NH2 A 29 4.64 10.53 -1.12
N HIS A 1 9.51 -13.96 2.32
CA HIS A 1 10.19 -12.72 1.95
C HIS A 1 9.58 -12.20 0.68
N GLY A 2 9.60 -10.91 0.51
CA GLY A 2 8.97 -10.29 -0.63
C GLY A 2 7.49 -10.17 -0.38
N GLU A 3 6.71 -10.28 -1.41
CA GLU A 3 5.27 -10.24 -1.27
C GLU A 3 4.79 -11.60 -0.83
N GLY A 4 4.52 -11.73 0.45
CA GLY A 4 4.11 -12.99 0.99
C GLY A 4 2.67 -13.29 0.70
N THR A 5 1.80 -12.70 1.45
CA THR A 5 0.40 -12.92 1.29
C THR A 5 -0.32 -11.58 1.05
N PHE A 6 0.12 -10.56 1.73
CA PHE A 6 -0.54 -9.30 1.64
C PHE A 6 0.27 -8.37 0.77
N THR A 7 -0.21 -8.09 -0.39
CA THR A 7 0.50 -7.26 -1.32
C THR A 7 -0.06 -5.82 -1.29
N SER A 8 -1.35 -5.70 -1.05
CA SER A 8 -2.02 -4.43 -1.06
C SER A 8 -2.05 -3.83 0.36
N ASP A 9 -0.96 -4.06 1.10
CA ASP A 9 -0.82 -3.55 2.47
C ASP A 9 -0.77 -2.06 2.43
N CYS A 10 -1.61 -1.41 3.21
CA CYS A 10 -1.73 0.05 3.22
C CYS A 10 -0.38 0.72 3.48
N SER A 11 0.38 0.16 4.40
CA SER A 11 1.67 0.70 4.72
C SER A 11 2.65 0.49 3.57
N LYS A 12 2.52 -0.66 2.93
CA LYS A 12 3.35 -1.01 1.81
C LYS A 12 3.07 -0.10 0.64
N GLN A 13 1.81 0.29 0.47
CA GLN A 13 1.43 1.17 -0.60
C GLN A 13 2.10 2.52 -0.39
N CYS A 14 2.23 2.90 0.85
CA CYS A 14 2.89 4.13 1.20
C CYS A 14 4.41 4.01 1.07
N GLU A 15 4.97 2.85 1.39
CA GLU A 15 6.40 2.61 1.23
C GLU A 15 6.80 2.49 -0.23
N GLU A 16 5.91 1.93 -1.05
CA GLU A 16 6.12 1.87 -2.48
C GLU A 16 5.87 3.27 -3.08
N GLY A 17 5.17 4.09 -2.34
CA GLY A 17 4.93 5.45 -2.75
C GLY A 17 3.80 5.54 -3.74
N ILE A 18 2.83 4.69 -3.57
CA ILE A 18 1.70 4.65 -4.45
C ILE A 18 0.67 5.65 -3.97
N GLY A 19 -0.18 5.24 -3.03
CA GLY A 19 -1.19 6.14 -2.48
C GLY A 19 -2.27 6.45 -3.50
N HIS A 20 -2.37 5.62 -4.51
CA HIS A 20 -3.30 5.83 -5.60
C HIS A 20 -4.45 4.87 -5.44
N LYS A 21 -5.65 5.42 -5.31
CA LYS A 21 -6.91 4.66 -5.09
C LYS A 21 -6.98 4.14 -3.67
N TYR A 22 -6.17 4.71 -2.79
CA TYR A 22 -6.12 4.26 -1.41
C TYR A 22 -6.43 5.44 -0.49
N PRO A 23 -7.72 5.68 -0.20
CA PRO A 23 -8.16 6.84 0.61
C PRO A 23 -7.82 6.69 2.09
N PHE A 24 -7.51 5.48 2.48
CA PHE A 24 -7.18 5.14 3.84
C PHE A 24 -5.68 5.09 4.04
N CYS A 25 -4.94 5.42 3.02
CA CYS A 25 -3.51 5.41 3.09
C CYS A 25 -2.94 6.79 2.85
N HIS A 26 -2.61 7.47 3.91
CA HIS A 26 -1.96 8.74 3.79
C HIS A 26 -0.47 8.45 3.65
N CYS A 27 -0.01 8.52 2.44
CA CYS A 27 1.33 8.13 2.12
C CYS A 27 2.24 9.34 2.00
N ARG A 28 3.53 9.11 2.09
CA ARG A 28 4.55 10.14 1.99
C ARG A 28 4.56 10.83 0.61
N NH2 A 29 3.86 11.92 0.50
HN1 NH2 A 29 3.38 12.23 1.29
HN2 NH2 A 29 3.83 12.38 -0.37
N HIS A 1 5.40 -15.90 4.21
CA HIS A 1 6.69 -16.42 3.74
C HIS A 1 7.80 -15.42 4.06
N GLY A 2 7.55 -14.16 3.76
CA GLY A 2 8.49 -13.13 4.08
C GLY A 2 7.83 -12.06 4.91
N GLU A 3 8.10 -10.84 4.57
CA GLU A 3 7.54 -9.70 5.26
C GLU A 3 6.70 -8.92 4.28
N GLY A 4 5.54 -8.49 4.71
CA GLY A 4 4.65 -7.80 3.81
C GLY A 4 3.94 -8.81 2.96
N THR A 5 3.17 -9.66 3.61
CA THR A 5 2.51 -10.78 2.98
C THR A 5 1.54 -10.35 1.87
N PHE A 6 0.77 -9.31 2.10
CA PHE A 6 -0.18 -8.93 1.10
C PHE A 6 0.31 -7.72 0.34
N THR A 7 0.27 -7.83 -0.96
CA THR A 7 0.70 -6.79 -1.88
C THR A 7 0.01 -5.45 -1.62
N SER A 8 -1.28 -5.49 -1.43
CA SER A 8 -2.07 -4.28 -1.28
C SER A 8 -2.18 -3.80 0.18
N ASP A 9 -1.21 -4.17 1.03
CA ASP A 9 -1.24 -3.69 2.44
C ASP A 9 -0.94 -2.20 2.45
N CYS A 10 -1.63 -1.48 3.30
CA CYS A 10 -1.50 -0.03 3.46
C CYS A 10 -0.05 0.40 3.65
N SER A 11 0.68 -0.33 4.49
CA SER A 11 2.06 0.02 4.79
C SER A 11 2.93 -0.16 3.55
N LYS A 12 2.56 -1.14 2.75
CA LYS A 12 3.29 -1.43 1.56
C LYS A 12 2.99 -0.46 0.46
N GLN A 13 1.81 0.14 0.49
CA GLN A 13 1.47 1.11 -0.48
C GLN A 13 2.32 2.35 -0.29
N CYS A 14 2.62 2.65 0.96
CA CYS A 14 3.51 3.78 1.25
C CYS A 14 4.98 3.33 1.24
N GLU A 15 5.19 2.03 1.16
CA GLU A 15 6.52 1.43 1.04
C GLU A 15 6.98 1.56 -0.41
N GLU A 16 6.03 1.44 -1.31
CA GLU A 16 6.28 1.56 -2.72
C GLU A 16 6.11 3.00 -3.15
N GLY A 17 5.35 3.74 -2.36
CA GLY A 17 5.11 5.12 -2.64
C GLY A 17 4.03 5.30 -3.65
N ILE A 18 2.89 4.71 -3.39
CA ILE A 18 1.76 4.82 -4.27
C ILE A 18 0.82 5.90 -3.76
N GLY A 19 -0.03 5.55 -2.80
CA GLY A 19 -0.97 6.52 -2.25
C GLY A 19 -2.05 6.88 -3.26
N HIS A 20 -2.35 5.95 -4.12
CA HIS A 20 -3.30 6.18 -5.18
C HIS A 20 -4.35 5.11 -5.07
N LYS A 21 -5.62 5.53 -4.97
CA LYS A 21 -6.78 4.63 -4.78
C LYS A 21 -6.84 4.11 -3.35
N TYR A 22 -6.07 4.73 -2.48
CA TYR A 22 -6.01 4.32 -1.10
C TYR A 22 -6.33 5.52 -0.23
N PRO A 23 -7.62 5.83 -0.04
CA PRO A 23 -8.04 7.02 0.71
C PRO A 23 -7.64 6.93 2.17
N PHE A 24 -7.59 5.72 2.64
CA PHE A 24 -7.24 5.40 4.00
C PHE A 24 -5.74 5.32 4.18
N CYS A 25 -4.99 5.58 3.14
CA CYS A 25 -3.54 5.53 3.21
C CYS A 25 -2.93 6.71 2.48
N HIS A 26 -2.63 7.76 3.19
CA HIS A 26 -1.92 8.83 2.55
C HIS A 26 -0.44 8.59 2.67
N CYS A 27 0.20 8.50 1.57
CA CYS A 27 1.63 8.30 1.52
C CYS A 27 2.33 9.64 1.38
N ARG A 28 1.56 10.68 1.60
CA ARG A 28 2.03 12.05 1.58
C ARG A 28 2.80 12.32 2.85
N NH2 A 29 4.10 12.24 2.76
HN1 NH2 A 29 4.49 12.06 1.88
HN2 NH2 A 29 4.63 12.34 3.58
N HIS A 1 3.71 -11.11 -11.66
CA HIS A 1 3.23 -10.92 -10.30
C HIS A 1 3.36 -12.23 -9.54
N GLY A 2 3.72 -12.14 -8.29
CA GLY A 2 3.86 -13.29 -7.45
C GLY A 2 3.39 -12.92 -6.07
N GLU A 3 2.13 -12.62 -6.00
CA GLU A 3 1.54 -12.10 -4.80
C GLU A 3 0.91 -13.22 -4.00
N GLY A 4 0.74 -12.99 -2.72
CA GLY A 4 0.18 -13.98 -1.87
C GLY A 4 -1.24 -13.67 -1.52
N THR A 5 -1.51 -13.59 -0.24
CA THR A 5 -2.84 -13.33 0.24
C THR A 5 -3.25 -11.89 0.02
N PHE A 6 -2.50 -10.98 0.56
CA PHE A 6 -2.86 -9.63 0.47
C PHE A 6 -1.64 -8.82 0.18
N THR A 7 -1.70 -8.09 -0.87
CA THR A 7 -0.61 -7.27 -1.28
C THR A 7 -1.06 -5.81 -1.34
N SER A 8 -2.33 -5.61 -1.08
CA SER A 8 -2.95 -4.32 -1.15
C SER A 8 -2.82 -3.58 0.20
N ASP A 9 -1.92 -4.06 1.04
CA ASP A 9 -1.67 -3.53 2.37
C ASP A 9 -1.23 -2.11 2.33
N CYS A 10 -1.81 -1.31 3.18
CA CYS A 10 -1.58 0.12 3.23
C CYS A 10 -0.11 0.45 3.50
N SER A 11 0.52 -0.38 4.32
CA SER A 11 1.92 -0.21 4.67
C SER A 11 2.81 -0.37 3.43
N LYS A 12 2.40 -1.24 2.52
CA LYS A 12 3.15 -1.48 1.30
C LYS A 12 2.94 -0.33 0.36
N GLN A 13 1.71 0.14 0.32
CA GLN A 13 1.33 1.26 -0.54
C GLN A 13 2.17 2.49 -0.24
N CYS A 14 2.35 2.78 1.03
CA CYS A 14 3.17 3.91 1.42
C CYS A 14 4.65 3.62 1.30
N GLU A 15 5.03 2.36 1.48
CA GLU A 15 6.42 1.95 1.36
C GLU A 15 6.88 2.04 -0.10
N GLU A 16 5.97 1.74 -1.00
CA GLU A 16 6.25 1.87 -2.43
C GLU A 16 6.11 3.32 -2.85
N GLY A 17 5.36 4.06 -2.07
CA GLY A 17 5.17 5.46 -2.34
C GLY A 17 4.08 5.68 -3.33
N ILE A 18 2.97 4.99 -3.14
CA ILE A 18 1.86 5.13 -4.03
C ILE A 18 0.78 5.97 -3.37
N GLY A 19 -0.09 5.34 -2.57
CA GLY A 19 -1.20 6.05 -1.91
C GLY A 19 -2.35 6.36 -2.85
N HIS A 20 -2.11 6.15 -4.11
CA HIS A 20 -3.04 6.43 -5.17
C HIS A 20 -4.07 5.32 -5.24
N LYS A 21 -5.34 5.69 -5.00
CA LYS A 21 -6.50 4.76 -4.97
C LYS A 21 -6.60 4.02 -3.65
N TYR A 22 -5.82 4.47 -2.68
CA TYR A 22 -5.81 3.85 -1.38
C TYR A 22 -6.11 4.93 -0.36
N PRO A 23 -7.40 5.18 -0.08
CA PRO A 23 -7.87 6.34 0.70
C PRO A 23 -7.41 6.34 2.16
N PHE A 24 -7.09 5.18 2.63
CA PHE A 24 -6.64 4.96 3.98
C PHE A 24 -5.14 5.11 4.10
N CYS A 25 -4.48 5.29 2.98
CA CYS A 25 -3.06 5.42 2.94
C CYS A 25 -2.69 6.83 2.60
N HIS A 26 -2.17 7.52 3.56
CA HIS A 26 -1.68 8.83 3.33
C HIS A 26 -0.19 8.71 3.23
N CYS A 27 0.29 8.69 2.03
CA CYS A 27 1.70 8.45 1.81
C CYS A 27 2.39 9.75 1.50
N ARG A 28 1.57 10.69 1.11
CA ARG A 28 1.93 12.02 0.74
C ARG A 28 3.13 12.07 -0.20
N NH2 A 29 2.89 11.90 -1.46
HN1 NH2 A 29 1.96 11.73 -1.74
HN2 NH2 A 29 3.64 11.95 -2.08
N HIS A 1 -3.08 -17.57 -1.15
CA HIS A 1 -1.89 -17.40 -0.32
C HIS A 1 -2.14 -17.99 1.03
N GLY A 2 -1.18 -18.76 1.53
CA GLY A 2 -1.28 -19.30 2.87
C GLY A 2 -1.12 -18.19 3.87
N GLU A 3 -0.22 -17.31 3.56
CA GLU A 3 -0.02 -16.10 4.30
C GLU A 3 0.36 -15.03 3.30
N GLY A 4 0.07 -13.79 3.60
CA GLY A 4 0.35 -12.74 2.67
C GLY A 4 -0.79 -12.61 1.71
N THR A 5 -1.97 -12.62 2.27
CA THR A 5 -3.20 -12.57 1.51
C THR A 5 -3.40 -11.19 0.90
N PHE A 6 -2.89 -10.18 1.55
CA PHE A 6 -3.12 -8.86 1.08
C PHE A 6 -1.80 -8.18 0.81
N THR A 7 -1.49 -8.06 -0.44
CA THR A 7 -0.28 -7.40 -0.85
C THR A 7 -0.59 -5.92 -1.08
N SER A 8 -1.87 -5.62 -1.20
CA SER A 8 -2.34 -4.27 -1.38
C SER A 8 -2.47 -3.54 -0.02
N ASP A 9 -1.73 -4.04 0.94
CA ASP A 9 -1.68 -3.53 2.31
C ASP A 9 -1.31 -2.06 2.34
N CYS A 10 -1.97 -1.31 3.19
CA CYS A 10 -1.78 0.13 3.29
C CYS A 10 -0.32 0.52 3.54
N SER A 11 0.40 -0.29 4.34
CA SER A 11 1.77 0.05 4.66
C SER A 11 2.66 -0.11 3.44
N LYS A 12 2.33 -1.11 2.62
CA LYS A 12 3.10 -1.38 1.42
C LYS A 12 2.85 -0.30 0.41
N GLN A 13 1.63 0.19 0.38
CA GLN A 13 1.27 1.26 -0.54
C GLN A 13 2.04 2.52 -0.22
N CYS A 14 2.27 2.76 1.05
CA CYS A 14 3.07 3.88 1.48
C CYS A 14 4.54 3.60 1.21
N GLU A 15 4.93 2.34 1.35
CA GLU A 15 6.30 1.90 1.10
C GLU A 15 6.64 2.02 -0.40
N GLU A 16 5.66 1.76 -1.23
CA GLU A 16 5.80 1.92 -2.66
C GLU A 16 5.76 3.40 -3.01
N GLY A 17 5.08 4.15 -2.18
CA GLY A 17 4.93 5.57 -2.40
C GLY A 17 3.81 5.84 -3.37
N ILE A 18 2.78 5.03 -3.32
CA ILE A 18 1.65 5.21 -4.20
C ILE A 18 0.53 5.92 -3.46
N GLY A 19 -0.25 5.17 -2.69
CA GLY A 19 -1.37 5.76 -1.95
C GLY A 19 -2.59 6.04 -2.83
N HIS A 20 -2.40 5.96 -4.12
CA HIS A 20 -3.44 6.19 -5.08
C HIS A 20 -4.27 4.94 -5.22
N LYS A 21 -5.57 5.10 -4.99
CA LYS A 21 -6.58 4.01 -4.98
C LYS A 21 -6.60 3.35 -3.64
N TYR A 22 -5.92 3.99 -2.70
CA TYR A 22 -5.82 3.52 -1.34
C TYR A 22 -6.19 4.70 -0.45
N PRO A 23 -7.51 4.87 -0.20
CA PRO A 23 -8.09 6.09 0.43
C PRO A 23 -7.67 6.34 1.88
N PHE A 24 -6.93 5.45 2.44
CA PHE A 24 -6.48 5.58 3.80
C PHE A 24 -4.97 5.52 3.89
N CYS A 25 -4.32 5.60 2.75
CA CYS A 25 -2.88 5.53 2.72
C CYS A 25 -2.30 6.82 2.19
N HIS A 26 -2.20 7.78 3.07
CA HIS A 26 -1.63 9.06 2.73
C HIS A 26 -0.29 9.18 3.41
N CYS A 27 0.75 8.95 2.66
CA CYS A 27 2.08 8.93 3.22
C CYS A 27 3.03 9.74 2.34
N ARG A 28 2.48 10.73 1.69
CA ARG A 28 3.22 11.60 0.81
C ARG A 28 4.06 12.58 1.61
N NH2 A 29 3.41 13.56 2.19
HN1 NH2 A 29 2.44 13.61 2.07
HN2 NH2 A 29 3.93 14.22 2.71
N HIS A 1 -6.84 -8.80 10.86
CA HIS A 1 -6.59 -9.97 10.01
C HIS A 1 -6.57 -9.58 8.55
N GLY A 2 -6.29 -10.53 7.68
CA GLY A 2 -6.16 -10.24 6.25
C GLY A 2 -4.70 -10.30 5.87
N GLU A 3 -3.87 -10.23 6.89
CA GLU A 3 -2.44 -10.30 6.78
C GLU A 3 -2.06 -11.68 6.29
N GLY A 4 -1.42 -11.74 5.18
CA GLY A 4 -1.07 -12.99 4.59
C GLY A 4 -1.78 -13.15 3.28
N THR A 5 -3.08 -12.91 3.28
CA THR A 5 -3.85 -13.00 2.09
C THR A 5 -3.57 -11.77 1.22
N PHE A 6 -3.60 -10.61 1.82
CA PHE A 6 -3.35 -9.41 1.10
C PHE A 6 -1.97 -8.89 1.50
N THR A 7 -1.04 -9.01 0.61
CA THR A 7 0.32 -8.61 0.88
C THR A 7 0.54 -7.14 0.50
N SER A 8 -0.28 -6.64 -0.43
CA SER A 8 -0.20 -5.25 -0.89
C SER A 8 -0.91 -4.31 0.10
N ASP A 9 -0.65 -4.53 1.37
CA ASP A 9 -1.24 -3.80 2.50
C ASP A 9 -0.93 -2.29 2.46
N CYS A 10 -1.70 -1.52 3.21
CA CYS A 10 -1.56 -0.08 3.36
C CYS A 10 -0.11 0.33 3.67
N SER A 11 0.59 -0.50 4.44
CA SER A 11 1.99 -0.26 4.78
C SER A 11 2.84 -0.15 3.50
N LYS A 12 2.60 -1.08 2.58
CA LYS A 12 3.31 -1.13 1.31
C LYS A 12 2.90 0.06 0.49
N GLN A 13 1.60 0.24 0.37
CA GLN A 13 1.00 1.35 -0.35
C GLN A 13 1.64 2.68 0.03
N CYS A 14 1.79 2.86 1.33
CA CYS A 14 2.40 4.02 1.92
C CYS A 14 3.89 4.14 1.61
N GLU A 15 4.65 3.07 1.77
CA GLU A 15 6.08 3.14 1.53
C GLU A 15 6.39 3.26 0.04
N GLU A 16 5.56 2.63 -0.79
CA GLU A 16 5.68 2.74 -2.25
C GLU A 16 5.36 4.19 -2.65
N GLY A 17 4.47 4.81 -1.89
CA GLY A 17 4.07 6.17 -2.14
C GLY A 17 3.04 6.24 -3.23
N ILE A 18 2.16 5.25 -3.26
CA ILE A 18 1.18 5.18 -4.30
C ILE A 18 -0.05 6.00 -3.94
N GLY A 19 -0.83 5.50 -2.99
CA GLY A 19 -2.05 6.20 -2.54
C GLY A 19 -3.16 6.21 -3.58
N HIS A 20 -2.87 5.69 -4.75
CA HIS A 20 -3.79 5.69 -5.86
C HIS A 20 -4.89 4.71 -5.58
N LYS A 21 -6.08 5.26 -5.38
CA LYS A 21 -7.28 4.51 -5.03
C LYS A 21 -7.22 4.02 -3.60
N TYR A 22 -6.31 4.62 -2.82
CA TYR A 22 -6.15 4.26 -1.41
C TYR A 22 -6.35 5.52 -0.59
N PRO A 23 -7.61 5.88 -0.32
CA PRO A 23 -7.96 7.16 0.34
C PRO A 23 -7.49 7.21 1.80
N PHE A 24 -7.25 6.07 2.35
CA PHE A 24 -6.83 5.92 3.71
C PHE A 24 -5.33 5.64 3.81
N CYS A 25 -4.64 5.70 2.70
CA CYS A 25 -3.23 5.40 2.69
C CYS A 25 -2.46 6.41 1.88
N HIS A 26 -2.35 7.61 2.40
CA HIS A 26 -1.57 8.64 1.77
C HIS A 26 -0.32 8.85 2.59
N CYS A 27 0.77 8.29 2.14
CA CYS A 27 2.00 8.39 2.88
C CYS A 27 3.14 8.63 1.93
N ARG A 28 4.25 9.06 2.44
CA ARG A 28 5.43 9.27 1.64
C ARG A 28 6.55 8.33 2.10
N NH2 A 29 6.57 7.14 1.55
HN1 NH2 A 29 5.88 6.92 0.89
HN2 NH2 A 29 7.28 6.52 1.82
N HIS A 1 11.73 -3.83 0.25
CA HIS A 1 11.67 -5.05 1.05
C HIS A 1 10.23 -5.31 1.45
N GLY A 2 9.95 -6.55 1.73
CA GLY A 2 8.64 -6.95 2.11
C GLY A 2 8.20 -8.10 1.29
N GLU A 3 7.09 -8.67 1.63
CA GLU A 3 6.58 -9.79 0.89
C GLU A 3 5.50 -9.34 -0.07
N GLY A 4 5.06 -10.24 -0.89
CA GLY A 4 3.99 -9.98 -1.80
C GLY A 4 2.81 -10.80 -1.40
N THR A 5 2.55 -10.80 -0.12
CA THR A 5 1.48 -11.55 0.46
C THR A 5 0.17 -10.79 0.34
N PHE A 6 0.23 -9.52 0.65
CA PHE A 6 -0.94 -8.72 0.74
C PHE A 6 -0.76 -7.46 -0.08
N THR A 7 -1.44 -7.38 -1.18
CA THR A 7 -1.32 -6.25 -2.08
C THR A 7 -2.10 -5.05 -1.53
N SER A 8 -3.07 -5.32 -0.70
CA SER A 8 -3.90 -4.29 -0.12
C SER A 8 -3.28 -3.75 1.18
N ASP A 9 -1.98 -4.02 1.37
CA ASP A 9 -1.29 -3.55 2.57
C ASP A 9 -1.02 -2.09 2.45
N CYS A 10 -1.66 -1.33 3.29
CA CYS A 10 -1.56 0.10 3.28
C CYS A 10 -0.13 0.56 3.56
N SER A 11 0.60 -0.24 4.33
CA SER A 11 1.97 0.05 4.61
C SER A 11 2.77 -0.03 3.30
N LYS A 12 2.54 -1.09 2.54
CA LYS A 12 3.22 -1.36 1.29
C LYS A 12 3.03 -0.21 0.33
N GLN A 13 1.80 0.23 0.19
CA GLN A 13 1.46 1.25 -0.75
C GLN A 13 2.12 2.58 -0.42
N CYS A 14 2.36 2.83 0.86
CA CYS A 14 3.07 4.02 1.24
C CYS A 14 4.58 3.84 1.16
N GLU A 15 5.06 2.63 1.43
CA GLU A 15 6.50 2.34 1.33
C GLU A 15 6.96 2.40 -0.12
N GLU A 16 6.08 1.99 -1.04
CA GLU A 16 6.38 2.12 -2.45
C GLU A 16 6.24 3.58 -2.85
N GLY A 17 5.25 4.24 -2.27
CA GLY A 17 5.03 5.62 -2.52
C GLY A 17 4.01 5.84 -3.60
N ILE A 18 2.87 5.20 -3.44
CA ILE A 18 1.82 5.36 -4.40
C ILE A 18 0.75 6.29 -3.84
N GLY A 19 -0.08 5.77 -2.95
CA GLY A 19 -1.12 6.59 -2.36
C GLY A 19 -2.23 6.94 -3.34
N HIS A 20 -2.45 6.07 -4.30
CA HIS A 20 -3.46 6.26 -5.31
C HIS A 20 -4.36 5.05 -5.33
N LYS A 21 -5.66 5.27 -5.19
CA LYS A 21 -6.69 4.22 -5.12
C LYS A 21 -6.68 3.57 -3.76
N TYR A 22 -6.04 4.22 -2.82
CA TYR A 22 -5.92 3.72 -1.48
C TYR A 22 -6.41 4.81 -0.54
N PRO A 23 -7.74 4.82 -0.27
CA PRO A 23 -8.39 5.89 0.53
C PRO A 23 -7.94 5.87 2.00
N PHE A 24 -7.31 4.82 2.38
CA PHE A 24 -6.85 4.61 3.73
C PHE A 24 -5.35 4.84 3.87
N CYS A 25 -4.71 5.22 2.79
CA CYS A 25 -3.27 5.40 2.81
C CYS A 25 -2.88 6.83 2.54
N HIS A 26 -2.27 7.44 3.51
CA HIS A 26 -1.76 8.78 3.35
C HIS A 26 -0.26 8.66 3.29
N CYS A 27 0.28 8.72 2.11
CA CYS A 27 1.69 8.52 1.93
C CYS A 27 2.36 9.89 1.75
N ARG A 28 3.55 10.05 2.29
CA ARG A 28 4.28 11.32 2.20
C ARG A 28 4.78 11.57 0.78
N NH2 A 29 5.94 11.07 0.45
HN1 NH2 A 29 6.44 10.57 1.14
HN2 NH2 A 29 6.26 11.23 -0.46
N HIS A 1 12.29 -10.46 -7.52
CA HIS A 1 11.55 -10.47 -6.25
C HIS A 1 10.06 -10.58 -6.48
N GLY A 2 9.44 -9.49 -6.88
CA GLY A 2 8.03 -9.49 -7.19
C GLY A 2 7.15 -9.53 -5.95
N GLU A 3 5.88 -9.68 -6.18
CA GLU A 3 4.92 -9.75 -5.10
C GLU A 3 4.89 -11.16 -4.54
N GLY A 4 5.10 -11.27 -3.26
CA GLY A 4 5.07 -12.55 -2.62
C GLY A 4 4.75 -12.43 -1.17
N THR A 5 4.01 -11.40 -0.81
CA THR A 5 3.63 -11.25 0.56
C THR A 5 2.21 -10.70 0.68
N PHE A 6 1.97 -9.51 0.17
CA PHE A 6 0.71 -8.83 0.38
C PHE A 6 0.67 -7.65 -0.58
N THR A 7 -0.27 -7.64 -1.47
CA THR A 7 -0.33 -6.62 -2.49
C THR A 7 -1.26 -5.48 -2.07
N SER A 8 -2.07 -5.71 -1.06
CA SER A 8 -3.03 -4.74 -0.62
C SER A 8 -2.67 -4.16 0.76
N ASP A 9 -1.38 -4.14 1.11
CA ASP A 9 -1.01 -3.58 2.41
C ASP A 9 -0.82 -2.10 2.31
N CYS A 10 -1.62 -1.36 3.03
CA CYS A 10 -1.61 0.09 2.99
C CYS A 10 -0.23 0.65 3.31
N SER A 11 0.48 0.02 4.24
CA SER A 11 1.79 0.47 4.61
C SER A 11 2.77 0.23 3.47
N LYS A 12 2.60 -0.87 2.77
CA LYS A 12 3.41 -1.19 1.63
C LYS A 12 3.14 -0.21 0.50
N GLN A 13 1.87 0.16 0.33
CA GLN A 13 1.49 1.11 -0.70
C GLN A 13 2.19 2.44 -0.44
N CYS A 14 2.23 2.80 0.83
CA CYS A 14 2.91 4.00 1.29
C CYS A 14 4.42 3.88 1.10
N GLU A 15 4.96 2.71 1.34
CA GLU A 15 6.37 2.45 1.18
C GLU A 15 6.78 2.54 -0.29
N GLU A 16 5.88 2.15 -1.16
CA GLU A 16 6.08 2.23 -2.60
C GLU A 16 5.72 3.60 -3.14
N GLY A 17 5.09 4.39 -2.29
CA GLY A 17 4.73 5.74 -2.65
C GLY A 17 3.61 5.79 -3.63
N ILE A 18 2.72 4.83 -3.55
CA ILE A 18 1.62 4.77 -4.49
C ILE A 18 0.50 5.70 -4.02
N GLY A 19 -0.26 5.26 -3.02
CA GLY A 19 -1.37 6.05 -2.47
C GLY A 19 -2.59 6.13 -3.41
N HIS A 20 -2.42 5.66 -4.62
CA HIS A 20 -3.43 5.73 -5.65
C HIS A 20 -4.49 4.68 -5.41
N LYS A 21 -5.74 5.12 -5.27
CA LYS A 21 -6.90 4.25 -5.02
C LYS A 21 -6.87 3.67 -3.62
N TYR A 22 -6.08 4.29 -2.76
CA TYR A 22 -5.96 3.83 -1.40
C TYR A 22 -6.35 4.99 -0.51
N PRO A 23 -7.65 5.09 -0.21
CA PRO A 23 -8.24 6.25 0.48
C PRO A 23 -7.75 6.44 1.92
N PHE A 24 -7.27 5.39 2.49
CA PHE A 24 -6.79 5.38 3.85
C PHE A 24 -5.27 5.37 3.91
N CYS A 25 -4.64 5.63 2.79
CA CYS A 25 -3.19 5.63 2.75
C CYS A 25 -2.66 7.00 2.37
N HIS A 26 -2.70 7.93 3.30
CA HIS A 26 -2.12 9.23 3.07
C HIS A 26 -0.76 9.23 3.66
N CYS A 27 0.21 9.06 2.82
CA CYS A 27 1.56 8.89 3.25
C CYS A 27 2.48 9.76 2.41
N ARG A 28 3.67 9.97 2.88
CA ARG A 28 4.60 10.83 2.21
C ARG A 28 5.73 10.04 1.56
N NH2 A 29 5.59 9.77 0.29
HN1 NH2 A 29 4.79 10.13 -0.17
HN2 NH2 A 29 6.27 9.24 -0.17
N HIS A 1 10.15 -11.53 -3.27
CA HIS A 1 10.91 -12.23 -2.24
C HIS A 1 9.98 -12.95 -1.26
N GLY A 2 9.20 -12.21 -0.52
CA GLY A 2 8.33 -12.80 0.46
C GLY A 2 6.88 -12.80 0.06
N GLU A 3 6.50 -13.77 -0.79
CA GLU A 3 5.12 -14.00 -1.24
C GLU A 3 4.63 -12.88 -2.19
N GLY A 4 3.68 -13.20 -3.03
CA GLY A 4 3.16 -12.22 -3.95
C GLY A 4 1.66 -12.31 -4.06
N THR A 5 1.00 -12.32 -2.93
CA THR A 5 -0.41 -12.44 -2.92
C THR A 5 -1.05 -11.12 -2.48
N PHE A 6 -0.79 -10.74 -1.26
CA PHE A 6 -1.41 -9.61 -0.68
C PHE A 6 -0.49 -8.41 -0.84
N THR A 7 -1.03 -7.35 -1.35
CA THR A 7 -0.30 -6.14 -1.55
C THR A 7 -1.20 -4.97 -1.21
N SER A 8 -2.30 -5.28 -0.60
CA SER A 8 -3.27 -4.28 -0.21
C SER A 8 -2.84 -3.60 1.10
N ASP A 9 -1.68 -4.03 1.60
CA ASP A 9 -1.07 -3.46 2.80
C ASP A 9 -0.82 -2.00 2.57
N CYS A 10 -1.46 -1.20 3.38
CA CYS A 10 -1.45 0.24 3.23
C CYS A 10 -0.03 0.78 3.33
N SER A 11 0.71 0.33 4.32
CA SER A 11 2.07 0.77 4.53
C SER A 11 2.98 0.36 3.37
N LYS A 12 2.65 -0.74 2.71
CA LYS A 12 3.42 -1.19 1.56
C LYS A 12 3.26 -0.20 0.44
N GLN A 13 2.01 0.11 0.14
CA GLN A 13 1.66 1.07 -0.87
C GLN A 13 2.24 2.44 -0.55
N CYS A 14 2.33 2.75 0.72
CA CYS A 14 2.94 3.98 1.17
C CYS A 14 4.46 3.99 0.93
N GLU A 15 5.11 2.83 1.10
CA GLU A 15 6.55 2.74 0.82
C GLU A 15 6.81 2.80 -0.67
N GLU A 16 5.90 2.22 -1.44
CA GLU A 16 6.02 2.24 -2.89
C GLU A 16 5.64 3.60 -3.44
N GLY A 17 5.00 4.40 -2.61
CA GLY A 17 4.61 5.73 -2.99
C GLY A 17 3.45 5.71 -3.94
N ILE A 18 2.52 4.82 -3.69
CA ILE A 18 1.37 4.71 -4.53
C ILE A 18 0.25 5.56 -3.96
N GLY A 19 -0.51 4.99 -3.03
CA GLY A 19 -1.65 5.69 -2.45
C GLY A 19 -2.83 5.82 -3.43
N HIS A 20 -2.56 5.48 -4.68
CA HIS A 20 -3.51 5.56 -5.75
C HIS A 20 -4.51 4.46 -5.62
N LYS A 21 -5.78 4.85 -5.44
CA LYS A 21 -6.92 3.95 -5.22
C LYS A 21 -6.97 3.51 -3.78
N TYR A 22 -6.17 4.16 -2.94
CA TYR A 22 -6.08 3.81 -1.54
C TYR A 22 -6.37 5.06 -0.72
N PRO A 23 -7.66 5.34 -0.44
CA PRO A 23 -8.09 6.56 0.26
C PRO A 23 -7.64 6.61 1.73
N PHE A 24 -7.25 5.47 2.21
CA PHE A 24 -6.79 5.31 3.57
C PHE A 24 -5.27 5.30 3.64
N CYS A 25 -4.62 5.49 2.51
CA CYS A 25 -3.17 5.49 2.48
C CYS A 25 -2.61 6.83 2.09
N HIS A 26 -2.62 7.72 3.03
CA HIS A 26 -1.99 9.00 2.86
C HIS A 26 -0.75 9.00 3.71
N CYS A 27 0.37 8.95 3.08
CA CYS A 27 1.62 8.77 3.78
C CYS A 27 2.71 9.66 3.22
N ARG A 28 3.71 9.93 4.03
CA ARG A 28 4.87 10.69 3.62
C ARG A 28 5.75 9.89 2.66
N NH2 A 29 6.29 8.79 3.11
HN1 NH2 A 29 6.11 8.51 4.03
HN2 NH2 A 29 6.86 8.27 2.49
N HIS A 1 5.16 -15.01 -2.26
CA HIS A 1 4.61 -14.45 -1.02
C HIS A 1 3.81 -15.53 -0.32
N GLY A 2 3.75 -15.46 1.00
CA GLY A 2 2.94 -16.39 1.74
C GLY A 2 1.49 -16.11 1.49
N GLU A 3 1.06 -14.94 1.91
CA GLU A 3 -0.29 -14.50 1.66
C GLU A 3 -0.39 -13.93 0.26
N GLY A 4 -0.99 -14.69 -0.63
CA GLY A 4 -1.20 -14.22 -1.98
C GLY A 4 -2.58 -13.64 -2.14
N THR A 5 -3.34 -13.73 -1.07
CA THR A 5 -4.69 -13.24 -1.02
C THR A 5 -4.72 -11.72 -0.99
N PHE A 6 -3.89 -11.13 -0.17
CA PHE A 6 -3.96 -9.73 0.05
C PHE A 6 -2.58 -9.11 -0.04
N THR A 7 -2.49 -8.04 -0.80
CA THR A 7 -1.27 -7.29 -0.91
C THR A 7 -1.59 -5.81 -0.73
N SER A 8 -2.87 -5.49 -0.64
CA SER A 8 -3.36 -4.12 -0.54
C SER A 8 -3.11 -3.47 0.85
N ASP A 9 -2.04 -3.89 1.51
CA ASP A 9 -1.69 -3.39 2.83
C ASP A 9 -1.20 -1.97 2.67
N CYS A 10 -1.66 -1.10 3.52
CA CYS A 10 -1.38 0.32 3.42
C CYS A 10 0.10 0.61 3.55
N SER A 11 0.79 -0.17 4.38
CA SER A 11 2.19 0.05 4.59
C SER A 11 3.00 -0.26 3.33
N LYS A 12 2.50 -1.19 2.53
CA LYS A 12 3.14 -1.53 1.28
C LYS A 12 2.93 -0.44 0.26
N GLN A 13 1.74 0.13 0.26
CA GLN A 13 1.37 1.14 -0.70
C GLN A 13 2.18 2.39 -0.46
N CYS A 14 2.35 2.71 0.80
CA CYS A 14 3.15 3.85 1.18
C CYS A 14 4.64 3.56 0.99
N GLU A 15 5.04 2.28 1.07
CA GLU A 15 6.42 1.90 0.89
C GLU A 15 6.82 2.01 -0.59
N GLU A 16 5.89 1.73 -1.48
CA GLU A 16 6.16 1.85 -2.90
C GLU A 16 5.93 3.30 -3.34
N GLY A 17 5.24 4.05 -2.49
CA GLY A 17 5.00 5.45 -2.75
C GLY A 17 3.92 5.64 -3.77
N ILE A 18 2.87 4.86 -3.66
CA ILE A 18 1.79 4.95 -4.61
C ILE A 18 0.71 5.89 -4.06
N GLY A 19 -0.09 5.39 -3.14
CA GLY A 19 -1.17 6.16 -2.53
C GLY A 19 -2.41 6.27 -3.42
N HIS A 20 -2.26 5.88 -4.66
CA HIS A 20 -3.32 5.96 -5.63
C HIS A 20 -4.28 4.81 -5.46
N LYS A 21 -5.55 5.14 -5.28
CA LYS A 21 -6.65 4.15 -5.11
C LYS A 21 -6.66 3.59 -3.71
N TYR A 22 -5.91 4.21 -2.82
CA TYR A 22 -5.80 3.74 -1.46
C TYR A 22 -6.20 4.88 -0.54
N PRO A 23 -7.49 4.99 -0.23
CA PRO A 23 -8.05 6.11 0.56
C PRO A 23 -7.58 6.09 2.01
N PHE A 24 -7.09 4.97 2.41
CA PHE A 24 -6.59 4.75 3.74
C PHE A 24 -5.10 5.07 3.82
N CYS A 25 -4.49 5.29 2.68
CA CYS A 25 -3.08 5.55 2.64
C CYS A 25 -2.77 6.98 2.36
N HIS A 26 -2.60 7.73 3.41
CA HIS A 26 -2.15 9.08 3.30
C HIS A 26 -0.73 9.11 3.82
N CYS A 27 0.21 9.11 2.93
CA CYS A 27 1.61 9.06 3.28
C CYS A 27 2.39 9.96 2.36
N ARG A 28 2.77 11.10 2.84
CA ARG A 28 3.46 12.07 2.06
C ARG A 28 4.69 12.62 2.77
N NH2 A 29 5.84 12.31 2.24
HN1 NH2 A 29 5.84 11.82 1.38
HN2 NH2 A 29 6.66 12.58 2.71
N HIS A 1 -2.50 -14.33 9.86
CA HIS A 1 -2.46 -13.05 10.54
C HIS A 1 -1.03 -12.61 10.66
N GLY A 2 -0.79 -11.43 11.17
CA GLY A 2 0.55 -10.98 11.36
C GLY A 2 0.68 -9.51 11.14
N GLU A 3 1.76 -9.13 10.51
CA GLU A 3 2.06 -7.74 10.24
C GLU A 3 1.44 -7.33 8.93
N GLY A 4 1.30 -8.30 8.09
CA GLY A 4 0.75 -8.11 6.79
C GLY A 4 -0.31 -9.12 6.53
N THR A 5 -1.54 -8.76 6.83
CA THR A 5 -2.68 -9.64 6.66
C THR A 5 -2.94 -9.90 5.16
N PHE A 6 -2.68 -8.91 4.36
CA PHE A 6 -2.98 -9.01 2.98
C PHE A 6 -1.82 -8.43 2.19
N THR A 7 -1.62 -8.96 1.00
CA THR A 7 -0.57 -8.54 0.09
C THR A 7 -0.62 -7.02 -0.12
N SER A 8 -1.79 -6.53 -0.46
CA SER A 8 -2.00 -5.13 -0.62
C SER A 8 -2.11 -4.48 0.76
N ASP A 9 -1.00 -3.96 1.22
CA ASP A 9 -0.92 -3.34 2.53
C ASP A 9 -0.83 -1.86 2.37
N CYS A 10 -1.70 -1.15 3.04
CA CYS A 10 -1.78 0.30 2.99
C CYS A 10 -0.42 0.98 3.23
N SER A 11 0.32 0.48 4.20
CA SER A 11 1.58 1.09 4.53
C SER A 11 2.63 0.68 3.51
N LYS A 12 2.49 -0.51 2.95
CA LYS A 12 3.40 -0.99 1.92
C LYS A 12 3.24 -0.14 0.68
N GLN A 13 1.98 0.19 0.35
CA GLN A 13 1.68 0.98 -0.83
C GLN A 13 2.27 2.37 -0.68
N CYS A 14 2.30 2.84 0.54
CA CYS A 14 2.87 4.13 0.84
C CYS A 14 4.39 4.10 0.87
N GLU A 15 4.93 2.94 1.10
CA GLU A 15 6.37 2.77 1.13
C GLU A 15 6.86 2.82 -0.32
N GLU A 16 6.02 2.31 -1.22
CA GLU A 16 6.30 2.31 -2.64
C GLU A 16 5.93 3.67 -3.26
N GLY A 17 5.12 4.42 -2.54
CA GLY A 17 4.73 5.74 -3.00
C GLY A 17 3.57 5.68 -3.96
N ILE A 18 2.58 4.87 -3.64
CA ILE A 18 1.42 4.75 -4.48
C ILE A 18 0.31 5.68 -3.99
N GLY A 19 -0.53 5.19 -3.08
CA GLY A 19 -1.67 5.97 -2.56
C GLY A 19 -2.86 5.97 -3.53
N HIS A 20 -2.61 5.49 -4.72
CA HIS A 20 -3.57 5.46 -5.82
C HIS A 20 -4.65 4.45 -5.51
N LYS A 21 -5.87 4.95 -5.34
CA LYS A 21 -7.06 4.16 -4.98
C LYS A 21 -7.06 3.76 -3.54
N TYR A 22 -6.19 4.38 -2.77
CA TYR A 22 -6.11 4.05 -1.36
C TYR A 22 -6.37 5.31 -0.55
N PRO A 23 -7.65 5.64 -0.29
CA PRO A 23 -8.06 6.90 0.39
C PRO A 23 -7.67 6.90 1.88
N PHE A 24 -7.39 5.73 2.37
CA PHE A 24 -7.01 5.50 3.74
C PHE A 24 -5.49 5.48 3.88
N CYS A 25 -4.82 5.70 2.78
CA CYS A 25 -3.38 5.68 2.79
C CYS A 25 -2.84 7.06 2.51
N HIS A 26 -2.53 7.76 3.56
CA HIS A 26 -1.86 9.03 3.45
C HIS A 26 -0.40 8.70 3.52
N CYS A 27 0.24 8.72 2.39
CA CYS A 27 1.58 8.22 2.27
C CYS A 27 2.64 9.19 2.75
N ARG A 28 3.74 8.61 3.22
CA ARG A 28 4.90 9.32 3.73
C ARG A 28 5.56 10.20 2.64
N NH2 A 29 5.15 11.43 2.55
HN1 NH2 A 29 4.45 11.72 3.18
HN2 NH2 A 29 5.54 12.01 1.85
N HIS A 1 3.68 -22.43 -4.34
CA HIS A 1 2.68 -21.76 -3.51
C HIS A 1 2.74 -20.28 -3.83
N GLY A 2 1.97 -19.48 -3.12
CA GLY A 2 1.97 -18.07 -3.37
C GLY A 2 2.70 -17.29 -2.32
N GLU A 3 3.09 -16.09 -2.65
CA GLU A 3 3.81 -15.22 -1.73
C GLU A 3 3.23 -13.80 -1.80
N GLY A 4 2.04 -13.71 -2.34
CA GLY A 4 1.41 -12.42 -2.52
C GLY A 4 -0.07 -12.50 -2.29
N THR A 5 -0.46 -12.94 -1.11
CA THR A 5 -1.86 -13.08 -0.76
C THR A 5 -2.50 -11.69 -0.63
N PHE A 6 -1.82 -10.81 0.02
CA PHE A 6 -2.32 -9.50 0.23
C PHE A 6 -1.28 -8.53 -0.24
N THR A 7 -1.60 -7.77 -1.23
CA THR A 7 -0.68 -6.82 -1.77
C THR A 7 -1.14 -5.40 -1.46
N SER A 8 -2.39 -5.27 -1.07
CA SER A 8 -3.01 -3.98 -0.85
C SER A 8 -2.67 -3.39 0.53
N ASP A 9 -1.66 -3.95 1.21
CA ASP A 9 -1.23 -3.47 2.53
C ASP A 9 -0.93 -1.99 2.50
N CYS A 10 -1.52 -1.26 3.43
CA CYS A 10 -1.41 0.18 3.44
C CYS A 10 0.04 0.62 3.63
N SER A 11 0.77 -0.09 4.49
CA SER A 11 2.18 0.21 4.72
C SER A 11 2.97 -0.03 3.43
N LYS A 12 2.54 -1.03 2.65
CA LYS A 12 3.20 -1.35 1.42
C LYS A 12 2.96 -0.24 0.40
N GLN A 13 1.74 0.25 0.37
CA GLN A 13 1.39 1.24 -0.59
C GLN A 13 2.10 2.55 -0.34
N CYS A 14 2.43 2.80 0.90
CA CYS A 14 3.19 3.97 1.24
C CYS A 14 4.69 3.78 0.94
N GLU A 15 5.21 2.56 1.11
CA GLU A 15 6.62 2.33 0.77
C GLU A 15 6.81 2.30 -0.76
N GLU A 16 5.78 1.83 -1.45
CA GLU A 16 5.77 1.85 -2.90
C GLU A 16 5.54 3.27 -3.39
N GLY A 17 4.93 4.08 -2.54
CA GLY A 17 4.67 5.46 -2.85
C GLY A 17 3.54 5.62 -3.84
N ILE A 18 2.54 4.78 -3.70
CA ILE A 18 1.44 4.80 -4.64
C ILE A 18 0.30 5.67 -4.09
N GLY A 19 -0.47 5.13 -3.17
CA GLY A 19 -1.61 5.84 -2.58
C GLY A 19 -2.83 5.93 -3.51
N HIS A 20 -2.63 5.56 -4.75
CA HIS A 20 -3.68 5.54 -5.74
C HIS A 20 -4.54 4.33 -5.49
N LYS A 21 -5.84 4.55 -5.31
CA LYS A 21 -6.82 3.49 -5.00
C LYS A 21 -6.77 3.13 -3.55
N TYR A 22 -6.06 3.93 -2.77
CA TYR A 22 -5.92 3.69 -1.36
C TYR A 22 -6.24 4.98 -0.65
N PRO A 23 -7.51 5.20 -0.33
CA PRO A 23 -7.99 6.47 0.24
C PRO A 23 -7.36 6.80 1.61
N PHE A 24 -7.13 5.78 2.37
CA PHE A 24 -6.58 5.91 3.70
C PHE A 24 -5.06 5.85 3.70
N CYS A 25 -4.47 5.50 2.58
CA CYS A 25 -3.02 5.40 2.53
C CYS A 25 -2.42 6.68 2.05
N HIS A 26 -2.51 7.66 2.89
CA HIS A 26 -1.91 8.92 2.64
C HIS A 26 -0.74 9.10 3.56
N CYS A 27 0.40 8.91 3.02
CA CYS A 27 1.63 9.01 3.73
C CYS A 27 2.45 10.16 3.19
N ARG A 28 3.28 10.71 4.03
CA ARG A 28 4.12 11.84 3.68
C ARG A 28 5.39 11.40 2.95
N NH2 A 29 5.27 11.17 1.67
HN1 NH2 A 29 4.37 11.28 1.26
HN2 NH2 A 29 6.06 10.90 1.16
N HIS A 1 -4.53 -8.35 -10.02
CA HIS A 1 -3.54 -9.40 -10.17
C HIS A 1 -2.82 -9.62 -8.84
N GLY A 2 -2.85 -10.84 -8.36
CA GLY A 2 -2.20 -11.17 -7.12
C GLY A 2 -3.16 -11.15 -5.95
N GLU A 3 -4.45 -11.20 -6.26
CA GLU A 3 -5.51 -11.17 -5.26
C GLU A 3 -5.37 -12.35 -4.33
N GLY A 4 -5.68 -12.13 -3.08
CA GLY A 4 -5.52 -13.17 -2.09
C GLY A 4 -4.22 -12.99 -1.35
N THR A 5 -3.16 -12.85 -2.11
CA THR A 5 -1.85 -12.54 -1.57
C THR A 5 -1.80 -11.06 -1.26
N PHE A 6 -2.29 -10.30 -2.19
CA PHE A 6 -2.26 -8.90 -2.09
C PHE A 6 -3.63 -8.37 -2.40
N THR A 7 -4.17 -7.66 -1.48
CA THR A 7 -5.40 -6.99 -1.67
C THR A 7 -5.11 -5.50 -1.77
N SER A 8 -4.32 -4.99 -0.81
CA SER A 8 -3.79 -3.65 -0.75
C SER A 8 -3.30 -3.41 0.67
N ASP A 9 -2.02 -3.56 0.88
CA ASP A 9 -1.46 -3.28 2.19
C ASP A 9 -1.00 -1.86 2.24
N CYS A 10 -1.56 -1.10 3.13
CA CYS A 10 -1.28 0.31 3.23
C CYS A 10 0.20 0.57 3.46
N SER A 11 0.85 -0.30 4.23
CA SER A 11 2.24 -0.12 4.49
C SER A 11 3.04 -0.31 3.21
N LYS A 12 2.69 -1.31 2.43
CA LYS A 12 3.40 -1.57 1.19
C LYS A 12 3.19 -0.42 0.24
N GLN A 13 1.95 0.07 0.19
CA GLN A 13 1.61 1.20 -0.64
C GLN A 13 2.48 2.41 -0.29
N CYS A 14 2.58 2.71 0.98
CA CYS A 14 3.34 3.87 1.44
C CYS A 14 4.85 3.65 1.31
N GLU A 15 5.31 2.42 1.49
CA GLU A 15 6.73 2.10 1.34
C GLU A 15 7.14 2.07 -0.14
N GLU A 16 6.19 1.73 -1.01
CA GLU A 16 6.42 1.85 -2.44
C GLU A 16 6.30 3.30 -2.87
N GLY A 17 5.68 4.10 -2.03
CA GLY A 17 5.57 5.52 -2.25
C GLY A 17 4.38 5.88 -3.08
N ILE A 18 3.32 5.11 -2.96
CA ILE A 18 2.14 5.36 -3.75
C ILE A 18 1.14 6.19 -2.96
N GLY A 19 0.28 5.53 -2.18
CA GLY A 19 -0.72 6.27 -1.43
C GLY A 19 -1.77 6.88 -2.34
N HIS A 20 -2.01 6.23 -3.46
CA HIS A 20 -2.91 6.73 -4.47
C HIS A 20 -3.90 5.66 -4.84
N LYS A 21 -5.19 5.99 -4.72
CA LYS A 21 -6.33 5.09 -4.98
C LYS A 21 -6.49 4.11 -3.85
N TYR A 22 -5.93 4.49 -2.71
CA TYR A 22 -5.95 3.69 -1.51
C TYR A 22 -6.46 4.60 -0.41
N PRO A 23 -7.79 4.60 -0.18
CA PRO A 23 -8.47 5.57 0.72
C PRO A 23 -8.04 5.48 2.19
N PHE A 24 -7.40 4.42 2.50
CA PHE A 24 -6.92 4.16 3.83
C PHE A 24 -5.46 4.56 3.98
N CYS A 25 -4.91 5.21 2.96
CA CYS A 25 -3.53 5.63 2.98
C CYS A 25 -3.38 7.09 2.62
N HIS A 26 -2.90 7.86 3.55
CA HIS A 26 -2.50 9.21 3.26
C HIS A 26 -1.01 9.21 3.33
N CYS A 27 -0.40 9.14 2.19
CA CYS A 27 1.03 9.04 2.07
C CYS A 27 1.45 9.75 0.83
N ARG A 28 2.72 10.05 0.73
CA ARG A 28 3.26 10.81 -0.40
C ARG A 28 3.28 9.94 -1.66
N NH2 A 29 4.19 9.01 -1.74
HN1 NH2 A 29 4.80 8.90 -0.98
HN2 NH2 A 29 4.22 8.45 -2.54
N HIS A 1 3.76 -7.15 -7.12
CA HIS A 1 5.06 -7.73 -6.74
C HIS A 1 5.61 -6.95 -5.58
N GLY A 2 6.59 -7.50 -4.92
CA GLY A 2 7.21 -6.83 -3.82
C GLY A 2 7.07 -7.61 -2.54
N GLU A 3 6.29 -8.69 -2.60
CA GLU A 3 6.00 -9.56 -1.46
C GLU A 3 5.05 -8.91 -0.48
N GLY A 4 3.80 -9.07 -0.77
CA GLY A 4 2.76 -8.56 0.03
C GLY A 4 1.58 -9.48 -0.06
N THR A 5 1.03 -9.83 1.06
CA THR A 5 -0.10 -10.72 1.15
C THR A 5 -1.31 -10.11 0.45
N PHE A 6 -1.52 -8.84 0.67
CA PHE A 6 -2.62 -8.18 0.09
C PHE A 6 -2.11 -7.04 -0.76
N THR A 7 -2.70 -6.87 -1.91
CA THR A 7 -2.32 -5.83 -2.82
C THR A 7 -2.50 -4.46 -2.17
N SER A 8 -3.65 -4.22 -1.61
CA SER A 8 -3.98 -2.94 -1.03
C SER A 8 -3.47 -2.80 0.43
N ASP A 9 -2.30 -3.40 0.72
CA ASP A 9 -1.74 -3.31 2.07
C ASP A 9 -1.21 -1.93 2.30
N CYS A 10 -1.84 -1.23 3.19
CA CYS A 10 -1.56 0.16 3.44
C CYS A 10 -0.09 0.43 3.78
N SER A 11 0.57 -0.52 4.41
CA SER A 11 1.93 -0.35 4.79
C SER A 11 2.84 -0.40 3.57
N LYS A 12 2.63 -1.38 2.71
CA LYS A 12 3.49 -1.60 1.56
C LYS A 12 3.30 -0.50 0.55
N GLN A 13 2.06 -0.15 0.34
CA GLN A 13 1.72 0.85 -0.64
C GLN A 13 2.33 2.21 -0.28
N CYS A 14 2.37 2.54 0.99
CA CYS A 14 2.99 3.78 1.39
C CYS A 14 4.51 3.69 1.37
N GLU A 15 5.05 2.48 1.48
CA GLU A 15 6.49 2.31 1.35
C GLU A 15 6.93 2.54 -0.10
N GLU A 16 6.01 2.35 -1.02
CA GLU A 16 6.27 2.66 -2.42
C GLU A 16 6.01 4.16 -2.65
N GLY A 17 5.15 4.70 -1.81
CA GLY A 17 4.81 6.10 -1.90
C GLY A 17 3.79 6.33 -2.98
N ILE A 18 2.93 5.35 -3.19
CA ILE A 18 1.96 5.45 -4.21
C ILE A 18 0.65 6.11 -3.76
N GLY A 19 -0.11 5.47 -2.88
CA GLY A 19 -1.36 6.06 -2.36
C GLY A 19 -2.52 6.05 -3.35
N HIS A 20 -2.23 5.76 -4.60
CA HIS A 20 -3.23 5.71 -5.64
C HIS A 20 -4.10 4.51 -5.41
N LYS A 21 -5.37 4.78 -5.09
CA LYS A 21 -6.39 3.77 -4.78
C LYS A 21 -6.31 3.33 -3.34
N TYR A 22 -5.56 4.08 -2.55
CA TYR A 22 -5.42 3.77 -1.13
C TYR A 22 -5.80 4.99 -0.30
N PRO A 23 -7.13 5.26 -0.16
CA PRO A 23 -7.65 6.43 0.56
C PRO A 23 -7.45 6.34 2.07
N PHE A 24 -7.11 5.16 2.52
CA PHE A 24 -6.89 4.87 3.92
C PHE A 24 -5.41 4.95 4.24
N CYS A 25 -4.66 5.47 3.31
CA CYS A 25 -3.24 5.57 3.45
C CYS A 25 -2.77 6.93 3.09
N HIS A 26 -1.84 7.44 3.85
CA HIS A 26 -1.23 8.67 3.49
C HIS A 26 0.16 8.33 3.02
N CYS A 27 0.31 8.24 1.74
CA CYS A 27 1.56 7.85 1.13
C CYS A 27 2.19 9.07 0.48
N ARG A 28 1.91 10.18 1.11
CA ARG A 28 2.43 11.47 0.71
C ARG A 28 3.92 11.54 0.95
N NH2 A 29 4.69 11.44 -0.09
HN1 NH2 A 29 4.27 11.36 -0.98
HN2 NH2 A 29 5.67 11.45 0.04
N HIS A 1 7.03 -4.54 5.80
CA HIS A 1 7.12 -5.97 5.58
C HIS A 1 6.03 -6.62 6.42
N GLY A 2 5.13 -7.34 5.79
CA GLY A 2 4.06 -7.96 6.52
C GLY A 2 3.52 -9.16 5.79
N GLU A 3 2.58 -8.94 4.89
CA GLU A 3 2.03 -10.01 4.12
C GLU A 3 2.58 -9.95 2.70
N GLY A 4 2.51 -11.06 2.03
CA GLY A 4 2.86 -11.13 0.64
C GLY A 4 1.71 -11.71 -0.13
N THR A 5 0.55 -11.58 0.45
CA THR A 5 -0.64 -12.10 -0.10
C THR A 5 -1.27 -11.09 -1.07
N PHE A 6 -1.77 -10.01 -0.55
CA PHE A 6 -2.48 -9.09 -1.37
C PHE A 6 -1.71 -7.80 -1.57
N THR A 7 -1.91 -7.20 -2.71
CA THR A 7 -1.26 -5.99 -3.13
C THR A 7 -1.64 -4.77 -2.24
N SER A 8 -2.92 -4.65 -1.93
CA SER A 8 -3.41 -3.56 -1.13
C SER A 8 -3.05 -3.78 0.34
N ASP A 9 -2.03 -3.10 0.75
CA ASP A 9 -1.59 -3.03 2.12
C ASP A 9 -1.10 -1.66 2.31
N CYS A 10 -1.64 -0.96 3.27
CA CYS A 10 -1.31 0.43 3.43
C CYS A 10 0.15 0.62 3.81
N SER A 11 0.73 -0.36 4.47
CA SER A 11 2.10 -0.27 4.84
C SER A 11 2.97 -0.39 3.59
N LYS A 12 2.54 -1.24 2.66
CA LYS A 12 3.25 -1.44 1.42
C LYS A 12 3.07 -0.29 0.50
N GLN A 13 1.87 0.18 0.39
CA GLN A 13 1.57 1.27 -0.51
C GLN A 13 2.22 2.58 -0.08
N CYS A 14 2.39 2.77 1.22
CA CYS A 14 3.14 3.92 1.70
C CYS A 14 4.65 3.66 1.57
N GLU A 15 5.02 2.40 1.50
CA GLU A 15 6.41 1.98 1.30
C GLU A 15 6.79 2.16 -0.18
N GLU A 16 5.84 1.94 -1.05
CA GLU A 16 6.03 2.07 -2.48
C GLU A 16 5.71 3.50 -2.93
N GLY A 17 5.15 4.27 -2.01
CA GLY A 17 4.91 5.68 -2.22
C GLY A 17 3.85 5.94 -3.25
N ILE A 18 2.83 5.13 -3.26
CA ILE A 18 1.77 5.32 -4.23
C ILE A 18 0.62 6.06 -3.58
N GLY A 19 -0.18 5.34 -2.81
CA GLY A 19 -1.33 5.95 -2.11
C GLY A 19 -2.54 6.17 -3.01
N HIS A 20 -2.35 6.00 -4.30
CA HIS A 20 -3.38 6.17 -5.28
C HIS A 20 -4.28 4.95 -5.28
N LYS A 21 -5.59 5.16 -5.10
CA LYS A 21 -6.61 4.10 -5.04
C LYS A 21 -6.61 3.43 -3.67
N TYR A 22 -5.89 4.04 -2.75
CA TYR A 22 -5.76 3.53 -1.42
C TYR A 22 -6.14 4.65 -0.48
N PRO A 23 -7.44 4.78 -0.17
CA PRO A 23 -8.00 5.91 0.62
C PRO A 23 -7.42 6.02 2.03
N PHE A 24 -6.90 4.94 2.48
CA PHE A 24 -6.29 4.82 3.78
C PHE A 24 -4.82 5.24 3.75
N CYS A 25 -4.24 5.32 2.58
CA CYS A 25 -2.83 5.59 2.49
C CYS A 25 -2.53 7.01 2.14
N HIS A 26 -2.54 7.83 3.13
CA HIS A 26 -2.11 9.18 3.00
C HIS A 26 -0.78 9.29 3.71
N CYS A 27 0.26 9.26 2.95
CA CYS A 27 1.61 9.23 3.48
C CYS A 27 2.53 10.09 2.69
N ARG A 28 2.68 9.72 1.49
CA ARG A 28 3.60 10.35 0.57
C ARG A 28 3.04 10.32 -0.86
N NH2 A 29 2.35 11.35 -1.24
HN1 NH2 A 29 2.25 12.10 -0.60
HN2 NH2 A 29 1.95 11.36 -2.14
N HIS A 1 11.48 -12.60 4.06
CA HIS A 1 11.48 -13.25 2.73
C HIS A 1 11.51 -12.18 1.65
N GLY A 2 10.51 -11.35 1.63
CA GLY A 2 10.43 -10.29 0.69
C GLY A 2 9.18 -9.53 0.90
N GLU A 3 9.11 -8.34 0.38
CA GLU A 3 7.95 -7.52 0.55
C GLU A 3 6.88 -7.93 -0.43
N GLY A 4 5.67 -7.97 0.04
CA GLY A 4 4.56 -8.37 -0.79
C GLY A 4 3.76 -9.45 -0.12
N THR A 5 3.61 -9.33 1.19
CA THR A 5 2.84 -10.25 2.00
C THR A 5 1.41 -10.33 1.49
N PHE A 6 0.83 -9.18 1.25
CA PHE A 6 -0.48 -9.11 0.76
C PHE A 6 -0.50 -8.11 -0.38
N THR A 7 -1.23 -8.41 -1.43
CA THR A 7 -1.29 -7.54 -2.59
C THR A 7 -1.96 -6.19 -2.24
N SER A 8 -2.78 -6.21 -1.22
CA SER A 8 -3.47 -5.05 -0.78
C SER A 8 -2.84 -4.50 0.51
N ASP A 9 -1.52 -4.68 0.66
CA ASP A 9 -0.80 -4.10 1.79
C ASP A 9 -0.72 -2.60 1.65
N CYS A 10 -1.64 -1.93 2.26
CA CYS A 10 -1.78 -0.50 2.13
C CYS A 10 -0.57 0.22 2.74
N SER A 11 -0.01 -0.36 3.78
CA SER A 11 1.19 0.16 4.42
C SER A 11 2.40 0.04 3.46
N LYS A 12 2.40 -1.02 2.67
CA LYS A 12 3.46 -1.27 1.70
C LYS A 12 3.36 -0.24 0.59
N GLN A 13 2.13 0.16 0.31
CA GLN A 13 1.87 1.14 -0.71
C GLN A 13 2.41 2.49 -0.25
N CYS A 14 2.43 2.70 1.05
CA CYS A 14 3.02 3.89 1.63
C CYS A 14 4.54 3.81 1.54
N GLU A 15 5.08 2.63 1.77
CA GLU A 15 6.51 2.43 1.68
C GLU A 15 7.00 2.58 0.25
N GLU A 16 6.18 2.18 -0.70
CA GLU A 16 6.47 2.37 -2.11
C GLU A 16 6.20 3.81 -2.55
N GLY A 17 5.39 4.50 -1.76
CA GLY A 17 5.10 5.89 -2.04
C GLY A 17 4.02 6.04 -3.08
N ILE A 18 3.04 5.18 -3.02
CA ILE A 18 1.95 5.20 -3.96
C ILE A 18 0.86 6.12 -3.44
N GLY A 19 0.06 5.61 -2.50
CA GLY A 19 -1.01 6.42 -1.91
C GLY A 19 -2.14 6.72 -2.88
N HIS A 20 -2.19 5.99 -3.97
CA HIS A 20 -3.17 6.19 -5.00
C HIS A 20 -4.20 5.08 -4.92
N LYS A 21 -5.46 5.45 -4.71
CA LYS A 21 -6.59 4.53 -4.58
C LYS A 21 -6.62 3.89 -3.21
N TYR A 22 -5.95 4.53 -2.29
CA TYR A 22 -5.85 4.07 -0.93
C TYR A 22 -6.24 5.22 -0.02
N PRO A 23 -7.56 5.45 0.17
CA PRO A 23 -8.06 6.61 0.92
C PRO A 23 -7.57 6.64 2.36
N PHE A 24 -7.45 5.47 2.94
CA PHE A 24 -7.01 5.30 4.30
C PHE A 24 -5.49 5.32 4.43
N CYS A 25 -4.80 5.52 3.33
CA CYS A 25 -3.36 5.61 3.34
C CYS A 25 -2.90 6.75 2.48
N HIS A 26 -2.82 7.92 3.05
CA HIS A 26 -2.34 9.04 2.32
C HIS A 26 -0.87 9.19 2.62
N CYS A 27 -0.08 8.73 1.72
CA CYS A 27 1.32 8.67 1.92
C CYS A 27 2.03 9.22 0.69
N ARG A 28 2.82 10.22 0.92
CA ARG A 28 3.54 10.90 -0.12
C ARG A 28 4.80 10.16 -0.51
N NH2 A 29 4.72 9.42 -1.59
HN1 NH2 A 29 3.88 9.42 -2.10
HN2 NH2 A 29 5.51 8.89 -1.84
N HIS A 1 10.19 -13.55 0.98
CA HIS A 1 9.48 -14.81 0.74
C HIS A 1 8.72 -14.69 -0.56
N GLY A 2 8.18 -15.80 -1.04
CA GLY A 2 7.45 -15.78 -2.28
C GLY A 2 6.04 -15.27 -2.10
N GLU A 3 5.93 -13.99 -1.86
CA GLU A 3 4.65 -13.38 -1.69
C GLU A 3 4.46 -12.31 -2.72
N GLY A 4 3.85 -12.72 -3.78
CA GLY A 4 3.48 -11.85 -4.85
C GLY A 4 2.05 -12.13 -5.22
N THR A 5 1.33 -12.68 -4.27
CA THR A 5 -0.06 -13.00 -4.43
C THR A 5 -0.86 -11.80 -4.00
N PHE A 6 -0.49 -11.25 -2.87
CA PHE A 6 -1.14 -10.12 -2.33
C PHE A 6 -0.10 -9.02 -2.20
N THR A 7 -0.52 -7.78 -2.36
CA THR A 7 0.39 -6.67 -2.24
C THR A 7 -0.31 -5.40 -1.66
N SER A 8 -1.64 -5.30 -1.79
CA SER A 8 -2.36 -4.14 -1.35
C SER A 8 -2.44 -4.02 0.19
N ASP A 9 -1.37 -3.59 0.77
CA ASP A 9 -1.29 -3.27 2.18
C ASP A 9 -1.05 -1.81 2.26
N CYS A 10 -1.77 -1.13 3.12
CA CYS A 10 -1.67 0.31 3.20
C CYS A 10 -0.23 0.75 3.49
N SER A 11 0.42 0.08 4.41
CA SER A 11 1.76 0.42 4.80
C SER A 11 2.73 0.15 3.64
N LYS A 12 2.43 -0.89 2.90
CA LYS A 12 3.27 -1.30 1.80
C LYS A 12 3.09 -0.37 0.62
N GLN A 13 1.86 0.06 0.38
CA GLN A 13 1.59 0.94 -0.73
C GLN A 13 2.17 2.32 -0.44
N CYS A 14 2.20 2.69 0.82
CA CYS A 14 2.85 3.91 1.24
C CYS A 14 4.37 3.78 1.07
N GLU A 15 4.91 2.60 1.34
CA GLU A 15 6.33 2.35 1.22
C GLU A 15 6.76 2.27 -0.26
N GLU A 16 5.88 1.76 -1.10
CA GLU A 16 6.13 1.73 -2.54
C GLU A 16 5.96 3.14 -3.12
N GLY A 17 5.26 3.99 -2.39
CA GLY A 17 5.08 5.36 -2.80
C GLY A 17 3.96 5.50 -3.77
N ILE A 18 2.89 4.81 -3.50
CA ILE A 18 1.74 4.86 -4.35
C ILE A 18 0.71 5.77 -3.71
N GLY A 19 -0.09 5.21 -2.80
CA GLY A 19 -1.08 6.01 -2.12
C GLY A 19 -2.19 6.45 -3.04
N HIS A 20 -2.43 5.67 -4.06
CA HIS A 20 -3.41 5.97 -5.07
C HIS A 20 -4.39 4.85 -5.11
N LYS A 21 -5.68 5.19 -5.03
CA LYS A 21 -6.79 4.23 -4.96
C LYS A 21 -6.88 3.61 -3.59
N TYR A 22 -6.20 4.23 -2.65
CA TYR A 22 -6.12 3.74 -1.31
C TYR A 22 -6.55 4.88 -0.40
N PRO A 23 -7.86 5.00 -0.12
CA PRO A 23 -8.47 6.14 0.62
C PRO A 23 -8.03 6.24 2.09
N PHE A 24 -7.30 5.26 2.52
CA PHE A 24 -6.81 5.21 3.87
C PHE A 24 -5.30 5.30 3.93
N CYS A 25 -4.69 5.57 2.79
CA CYS A 25 -3.24 5.65 2.73
C CYS A 25 -2.80 7.04 2.34
N HIS A 26 -2.65 7.87 3.32
CA HIS A 26 -2.15 9.20 3.09
C HIS A 26 -0.75 9.26 3.63
N CYS A 27 0.18 9.15 2.76
CA CYS A 27 1.57 9.05 3.11
C CYS A 27 2.39 9.82 2.09
N ARG A 28 3.73 9.74 2.20
CA ARG A 28 4.69 10.39 1.33
C ARG A 28 4.46 11.90 1.19
N NH2 A 29 3.70 12.31 0.20
HN1 NH2 A 29 3.31 11.63 -0.39
HN2 NH2 A 29 3.56 13.27 0.08
N HIS A 1 -4.96 -19.94 -0.44
CA HIS A 1 -5.57 -18.70 -0.90
C HIS A 1 -5.10 -18.44 -2.32
N GLY A 2 -5.90 -17.74 -3.10
CA GLY A 2 -5.50 -17.39 -4.44
C GLY A 2 -4.52 -16.25 -4.42
N GLU A 3 -3.25 -16.61 -4.45
CA GLU A 3 -2.10 -15.69 -4.41
C GLU A 3 -1.87 -15.12 -3.02
N GLY A 4 -0.70 -14.59 -2.86
CA GLY A 4 -0.33 -13.89 -1.69
C GLY A 4 0.45 -12.69 -2.09
N THR A 5 0.19 -12.24 -3.31
CA THR A 5 0.88 -11.12 -3.90
C THR A 5 0.48 -9.82 -3.24
N PHE A 6 -0.80 -9.62 -3.16
CA PHE A 6 -1.34 -8.37 -2.79
C PHE A 6 -2.46 -8.56 -1.80
N THR A 7 -2.60 -7.65 -0.88
CA THR A 7 -3.70 -7.67 0.05
C THR A 7 -4.16 -6.21 0.33
N SER A 8 -3.69 -5.30 -0.51
CA SER A 8 -3.96 -3.87 -0.42
C SER A 8 -3.36 -3.33 0.88
N ASP A 9 -2.19 -3.85 1.20
CA ASP A 9 -1.49 -3.48 2.42
C ASP A 9 -1.04 -2.07 2.34
N CYS A 10 -1.52 -1.27 3.25
CA CYS A 10 -1.23 0.13 3.23
C CYS A 10 0.24 0.39 3.53
N SER A 11 0.84 -0.48 4.31
CA SER A 11 2.24 -0.34 4.63
C SER A 11 3.10 -0.54 3.39
N LYS A 12 2.62 -1.33 2.46
CA LYS A 12 3.33 -1.52 1.22
C LYS A 12 3.07 -0.38 0.26
N GLN A 13 1.85 0.16 0.27
CA GLN A 13 1.51 1.23 -0.64
C GLN A 13 2.21 2.52 -0.25
N CYS A 14 2.38 2.74 1.04
CA CYS A 14 3.15 3.89 1.50
C CYS A 14 4.65 3.61 1.47
N GLU A 15 5.01 2.33 1.40
CA GLU A 15 6.42 1.93 1.23
C GLU A 15 6.83 2.29 -0.21
N GLU A 16 5.89 2.15 -1.12
CA GLU A 16 6.07 2.50 -2.50
C GLU A 16 5.89 3.99 -2.69
N GLY A 17 5.13 4.58 -1.78
CA GLY A 17 4.87 6.00 -1.80
C GLY A 17 3.78 6.37 -2.77
N ILE A 18 2.82 5.48 -2.94
CA ILE A 18 1.75 5.72 -3.88
C ILE A 18 0.60 6.46 -3.19
N GLY A 19 -0.23 5.73 -2.45
CA GLY A 19 -1.37 6.37 -1.78
C GLY A 19 -2.40 6.82 -2.77
N HIS A 20 -2.49 6.12 -3.86
CA HIS A 20 -3.37 6.45 -4.95
C HIS A 20 -4.15 5.20 -5.25
N LYS A 21 -5.48 5.30 -5.15
CA LYS A 21 -6.42 4.16 -5.23
C LYS A 21 -6.48 3.44 -3.90
N TYR A 22 -5.87 4.06 -2.91
CA TYR A 22 -5.80 3.52 -1.58
C TYR A 22 -6.26 4.61 -0.64
N PRO A 23 -7.57 4.67 -0.38
CA PRO A 23 -8.19 5.78 0.39
C PRO A 23 -7.73 5.85 1.85
N PHE A 24 -7.22 4.76 2.33
CA PHE A 24 -6.76 4.62 3.69
C PHE A 24 -5.25 4.84 3.79
N CYS A 25 -4.66 5.33 2.73
CA CYS A 25 -3.23 5.55 2.73
C CYS A 25 -2.89 6.97 2.38
N HIS A 26 -2.42 7.70 3.35
CA HIS A 26 -1.86 9.00 3.10
C HIS A 26 -0.36 8.80 3.07
N CYS A 27 0.18 8.74 1.90
CA CYS A 27 1.58 8.50 1.74
C CYS A 27 2.26 9.82 1.35
N ARG A 28 3.58 9.85 1.40
CA ARG A 28 4.32 11.08 1.10
C ARG A 28 4.47 11.23 -0.42
N NH2 A 29 3.50 11.84 -1.05
HN1 NH2 A 29 2.75 12.17 -0.52
HN2 NH2 A 29 3.57 11.93 -2.02
N HIS A 1 3.06 -21.18 -10.38
CA HIS A 1 2.04 -20.53 -9.57
C HIS A 1 2.52 -19.15 -9.15
N GLY A 2 1.64 -18.36 -8.60
CA GLY A 2 1.99 -17.05 -8.13
C GLY A 2 0.85 -16.50 -7.31
N GLU A 3 1.14 -15.60 -6.41
CA GLU A 3 0.10 -15.04 -5.57
C GLU A 3 -0.34 -13.68 -6.08
N GLY A 4 -1.55 -13.35 -5.79
CA GLY A 4 -2.10 -12.08 -6.11
C GLY A 4 -3.40 -11.94 -5.39
N THR A 5 -3.42 -12.46 -4.18
CA THR A 5 -4.60 -12.49 -3.37
C THR A 5 -4.86 -11.13 -2.76
N PHE A 6 -3.83 -10.57 -2.18
CA PHE A 6 -3.98 -9.37 -1.43
C PHE A 6 -2.87 -8.42 -1.78
N THR A 7 -3.20 -7.19 -1.98
CA THR A 7 -2.20 -6.19 -2.28
C THR A 7 -2.56 -4.89 -1.57
N SER A 8 -3.48 -4.99 -0.67
CA SER A 8 -3.98 -3.85 0.09
C SER A 8 -3.12 -3.57 1.33
N ASP A 9 -1.88 -4.04 1.31
CA ASP A 9 -0.91 -3.79 2.37
C ASP A 9 -0.64 -2.31 2.42
N CYS A 10 -1.27 -1.66 3.34
CA CYS A 10 -1.25 -0.23 3.44
C CYS A 10 0.15 0.30 3.66
N SER A 11 0.91 -0.40 4.48
CA SER A 11 2.25 -0.01 4.80
C SER A 11 3.12 -0.12 3.54
N LYS A 12 2.81 -1.09 2.67
CA LYS A 12 3.57 -1.29 1.46
C LYS A 12 3.19 -0.30 0.36
N GLN A 13 1.96 0.17 0.36
CA GLN A 13 1.55 1.13 -0.61
C GLN A 13 2.19 2.47 -0.26
N CYS A 14 2.31 2.73 1.04
CA CYS A 14 3.02 3.90 1.53
C CYS A 14 4.52 3.73 1.32
N GLU A 15 4.98 2.48 1.43
CA GLU A 15 6.39 2.09 1.24
C GLU A 15 6.90 2.49 -0.14
N GLU A 16 6.03 2.42 -1.13
CA GLU A 16 6.41 2.85 -2.48
C GLU A 16 5.91 4.24 -2.79
N GLY A 17 5.02 4.74 -1.95
CA GLY A 17 4.47 6.07 -2.15
C GLY A 17 3.47 6.07 -3.27
N ILE A 18 2.59 5.10 -3.23
CA ILE A 18 1.60 4.95 -4.28
C ILE A 18 0.43 5.86 -4.01
N GLY A 19 -0.38 5.49 -3.01
CA GLY A 19 -1.56 6.29 -2.64
C GLY A 19 -2.69 6.27 -3.65
N HIS A 20 -2.42 5.72 -4.81
CA HIS A 20 -3.37 5.69 -5.91
C HIS A 20 -4.50 4.75 -5.60
N LYS A 21 -5.70 5.30 -5.47
CA LYS A 21 -6.94 4.58 -5.14
C LYS A 21 -6.96 4.12 -3.68
N TYR A 22 -6.09 4.71 -2.84
CA TYR A 22 -6.00 4.28 -1.46
C TYR A 22 -6.25 5.46 -0.55
N PRO A 23 -7.50 5.71 -0.16
CA PRO A 23 -7.84 6.81 0.74
C PRO A 23 -7.37 6.51 2.18
N PHE A 24 -7.21 5.24 2.44
CA PHE A 24 -6.76 4.73 3.71
C PHE A 24 -5.24 4.67 3.79
N CYS A 25 -4.57 4.93 2.67
CA CYS A 25 -3.12 4.85 2.63
C CYS A 25 -2.53 6.07 1.94
N HIS A 26 -2.59 7.18 2.61
CA HIS A 26 -2.00 8.38 2.08
C HIS A 26 -0.76 8.68 2.89
N CYS A 27 0.36 8.45 2.31
CA CYS A 27 1.61 8.65 2.97
C CYS A 27 2.53 9.40 2.05
N ARG A 28 3.08 10.49 2.54
CA ARG A 28 3.97 11.34 1.76
C ARG A 28 5.25 10.62 1.33
N NH2 A 29 5.32 10.24 0.07
HN1 NH2 A 29 4.56 10.45 -0.51
HN2 NH2 A 29 6.12 9.75 -0.22
N HIS A 1 2.97 -9.30 -6.86
CA HIS A 1 3.13 -10.60 -7.51
C HIS A 1 3.36 -11.67 -6.45
N GLY A 2 2.47 -12.65 -6.40
CA GLY A 2 2.55 -13.67 -5.38
C GLY A 2 1.96 -13.13 -4.11
N GLU A 3 0.68 -12.92 -4.16
CA GLU A 3 -0.03 -12.26 -3.09
C GLU A 3 -0.39 -13.19 -1.97
N GLY A 4 -0.01 -12.81 -0.79
CA GLY A 4 -0.32 -13.56 0.38
C GLY A 4 -1.46 -12.92 1.13
N THR A 5 -1.20 -11.76 1.69
CA THR A 5 -2.21 -11.06 2.43
C THR A 5 -3.02 -10.13 1.54
N PHE A 6 -2.43 -9.01 1.16
CA PHE A 6 -3.17 -7.99 0.50
C PHE A 6 -2.24 -7.15 -0.34
N THR A 7 -2.53 -7.14 -1.61
CA THR A 7 -1.79 -6.40 -2.60
C THR A 7 -1.71 -4.91 -2.25
N SER A 8 -2.82 -4.38 -1.82
CA SER A 8 -2.91 -2.99 -1.50
C SER A 8 -2.66 -2.75 0.00
N ASP A 9 -1.70 -3.49 0.59
CA ASP A 9 -1.34 -3.31 2.01
C ASP A 9 -0.96 -1.87 2.22
N CYS A 10 -1.67 -1.22 3.10
CA CYS A 10 -1.52 0.20 3.33
C CYS A 10 -0.09 0.57 3.69
N SER A 11 0.56 -0.30 4.46
CA SER A 11 1.90 -0.06 4.87
C SER A 11 2.82 -0.14 3.67
N LYS A 12 2.59 -1.13 2.86
CA LYS A 12 3.40 -1.38 1.71
C LYS A 12 3.22 -0.29 0.67
N GLN A 13 1.98 0.14 0.46
CA GLN A 13 1.69 1.14 -0.54
C GLN A 13 2.31 2.48 -0.16
N CYS A 14 2.45 2.73 1.12
CA CYS A 14 3.12 3.92 1.56
C CYS A 14 4.63 3.78 1.47
N GLU A 15 5.15 2.57 1.63
CA GLU A 15 6.59 2.34 1.47
C GLU A 15 6.99 2.40 0.00
N GLU A 16 6.08 1.96 -0.87
CA GLU A 16 6.28 2.04 -2.31
C GLU A 16 6.07 3.47 -2.78
N GLY A 17 5.31 4.23 -2.01
CA GLY A 17 5.06 5.61 -2.34
C GLY A 17 3.96 5.74 -3.35
N ILE A 18 2.86 5.08 -3.10
CA ILE A 18 1.74 5.15 -4.01
C ILE A 18 0.66 6.07 -3.44
N GLY A 19 -0.20 5.56 -2.55
CA GLY A 19 -1.25 6.40 -1.97
C GLY A 19 -2.30 6.77 -3.00
N HIS A 20 -2.49 5.89 -3.94
CA HIS A 20 -3.37 6.10 -5.06
C HIS A 20 -4.29 4.90 -5.13
N LYS A 21 -5.61 5.15 -5.01
CA LYS A 21 -6.68 4.10 -4.96
C LYS A 21 -6.80 3.56 -3.56
N TYR A 22 -6.10 4.18 -2.64
CA TYR A 22 -6.06 3.72 -1.28
C TYR A 22 -6.53 4.86 -0.38
N PRO A 23 -7.85 4.93 -0.12
CA PRO A 23 -8.46 6.03 0.63
C PRO A 23 -8.12 6.02 2.12
N PHE A 24 -7.40 5.01 2.53
CA PHE A 24 -6.98 4.85 3.91
C PHE A 24 -5.48 4.99 4.05
N CYS A 25 -4.81 5.35 2.97
CA CYS A 25 -3.37 5.47 2.98
C CYS A 25 -2.94 6.84 2.54
N HIS A 26 -2.51 7.65 3.48
CA HIS A 26 -1.96 8.92 3.13
C HIS A 26 -0.47 8.74 3.09
N CYS A 27 0.07 8.60 1.91
CA CYS A 27 1.46 8.32 1.75
C CYS A 27 2.21 9.58 1.31
N ARG A 28 3.51 9.49 1.29
CA ARG A 28 4.37 10.58 0.86
C ARG A 28 4.39 10.67 -0.66
N NH2 A 29 3.56 11.53 -1.20
HN1 NH2 A 29 3.03 12.08 -0.61
HN2 NH2 A 29 3.53 11.57 -2.19
#